data_4KYX
#
_entry.id   4KYX
#
_cell.length_a   60.980
_cell.length_b   63.780
_cell.length_c   71.720
_cell.angle_alpha   90.000
_cell.angle_beta   90.000
_cell.angle_gamma   90.000
#
_symmetry.space_group_name_H-M   'P 21 21 21'
#
loop_
_entity.id
_entity.type
_entity.pdbx_description
1 polymer 'ADP-ribose pyrophosphatase MutT'
2 water water
#
_entity_poly.entity_id   1
_entity_poly.type   'polypeptide(L)'
_entity_poly.pdbx_seq_one_letter_code
;MAHHHHHHMINHPRIGIGILIFNNRNEILLGKRISSHGESSYAPAGGHLEFGETFEECAIREVLEETNLIIENPQFIAVT
NDIFEKEQKHYVSIFLKAHCLNEHELQNLEPHKVENWQWFALDNLPSNLFLPLKRLIEKKCYLYKEIID
;
_entity_poly.pdbx_strand_id   A,B
#
# COMPACT_ATOMS: atom_id res chain seq x y z
N ILE A 10 -19.53 -6.92 0.20
CA ILE A 10 -18.54 -6.71 1.30
C ILE A 10 -17.88 -5.33 1.20
N ASN A 11 -17.60 -4.75 2.37
CA ASN A 11 -16.87 -3.48 2.45
C ASN A 11 -15.37 -3.73 2.53
N HIS A 12 -14.75 -3.93 1.38
CA HIS A 12 -13.32 -4.20 1.27
C HIS A 12 -12.45 -2.92 1.42
N PRO A 13 -11.26 -3.06 2.04
CA PRO A 13 -10.24 -2.02 1.98
C PRO A 13 -9.94 -1.57 0.54
N ARG A 14 -9.80 -0.27 0.33
CA ARG A 14 -9.54 0.27 -0.99
C ARG A 14 -8.16 0.88 -1.12
N ILE A 15 -7.64 1.03 -2.33
CA ILE A 15 -6.35 1.57 -2.48
C ILE A 15 -6.47 2.98 -3.09
N GLY A 16 -5.85 3.92 -2.40
CA GLY A 16 -5.85 5.32 -2.78
C GLY A 16 -4.41 5.69 -3.14
N ILE A 17 -4.25 6.62 -4.06
CA ILE A 17 -2.96 7.14 -4.42
C ILE A 17 -2.98 8.62 -3.98
N GLY A 18 -1.98 9.06 -3.22
CA GLY A 18 -1.81 10.49 -3.00
C GLY A 18 -0.52 10.98 -3.59
N ILE A 19 -0.57 12.17 -4.16
CA ILE A 19 0.61 12.77 -4.74
C ILE A 19 1.03 14.09 -4.09
N LEU A 20 2.24 14.12 -3.55
CA LEU A 20 2.84 15.37 -3.13
C LEU A 20 3.50 16.01 -4.36
N ILE A 21 2.83 17.04 -4.88
CA ILE A 21 3.26 17.74 -6.07
C ILE A 21 4.05 18.94 -5.60
N PHE A 22 5.28 19.02 -6.10
CA PHE A 22 6.20 20.11 -5.76
C PHE A 22 6.39 21.08 -6.89
N ASN A 23 6.57 22.36 -6.54
CA ASN A 23 6.89 23.40 -7.53
C ASN A 23 8.40 23.70 -7.53
N ASN A 24 8.86 24.68 -8.30
CA ASN A 24 10.29 25.05 -8.27
C ASN A 24 10.86 25.58 -6.93
N ARG A 25 10.00 26.09 -6.06
CA ARG A 25 10.43 26.54 -4.74
C ARG A 25 10.31 25.42 -3.69
N ASN A 26 10.11 24.18 -4.15
CA ASN A 26 9.89 23.06 -3.24
C ASN A 26 8.73 23.19 -2.24
N GLU A 27 7.72 23.95 -2.66
CA GLU A 27 6.45 23.98 -1.98
C GLU A 27 5.56 22.85 -2.52
N ILE A 28 4.64 22.42 -1.70
CA ILE A 28 3.71 21.36 -2.07
C ILE A 28 2.29 21.89 -2.27
N LEU A 29 1.59 21.26 -3.18
CA LEU A 29 0.27 21.71 -3.60
C LEU A 29 -0.73 21.00 -2.71
N LEU A 30 -1.63 21.74 -2.10
CA LEU A 30 -2.73 21.17 -1.34
C LEU A 30 -4.03 21.79 -1.79
N GLY A 31 -5.08 20.95 -1.72
CA GLY A 31 -6.45 21.31 -2.11
C GLY A 31 -7.34 21.43 -0.92
N LYS A 32 -7.98 22.58 -0.78
CA LYS A 32 -8.96 22.79 0.28
C LYS A 32 -10.33 22.19 -0.04
N ARG A 33 -10.80 21.32 0.88
CA ARG A 33 -12.16 20.81 0.82
C ARG A 33 -12.98 21.39 1.98
N ILE A 34 -14.21 21.82 1.70
CA ILE A 34 -15.14 22.29 2.72
C ILE A 34 -16.26 21.23 2.88
N SER A 35 -16.47 20.76 4.13
CA SER A 35 -17.49 19.73 4.42
C SER A 35 -18.89 20.34 4.56
N SER A 36 -19.88 19.45 4.68
CA SER A 36 -21.28 19.82 4.99
C SER A 36 -21.43 20.54 6.34
N HIS A 37 -20.56 20.23 7.31
CA HIS A 37 -20.54 20.99 8.56
C HIS A 37 -19.76 22.30 8.44
N GLY A 38 -19.27 22.61 7.24
CA GLY A 38 -18.52 23.82 7.00
C GLY A 38 -17.09 23.75 7.48
N GLU A 39 -16.62 22.53 7.78
CA GLU A 39 -15.23 22.32 8.19
C GLU A 39 -14.30 22.19 7.01
N SER A 40 -13.20 22.91 7.07
CA SER A 40 -12.24 22.83 6.01
C SER A 40 -11.09 21.85 6.31
N SER A 41 -10.64 21.16 5.28
CA SER A 41 -9.45 20.28 5.43
C SER A 41 -8.62 20.34 4.19
N TYR A 42 -7.32 20.06 4.33
CA TYR A 42 -6.45 20.12 3.17
C TYR A 42 -6.00 18.70 2.77
N ALA A 43 -6.06 18.42 1.46
CA ALA A 43 -5.60 17.12 0.93
C ALA A 43 -4.70 17.32 -0.25
N PRO A 44 -3.80 16.37 -0.48
CA PRO A 44 -3.05 16.47 -1.72
C PRO A 44 -3.89 16.01 -2.93
N ALA A 45 -3.33 16.12 -4.13
CA ALA A 45 -3.89 15.46 -5.28
C ALA A 45 -3.94 13.95 -5.06
N GLY A 46 -4.91 13.32 -5.69
CA GLY A 46 -5.00 11.85 -5.68
C GLY A 46 -6.40 11.34 -5.71
N GLY A 47 -6.53 10.03 -5.62
CA GLY A 47 -7.80 9.40 -5.71
C GLY A 47 -7.53 7.91 -5.85
N HIS A 48 -8.48 7.22 -6.46
CA HIS A 48 -8.46 5.77 -6.39
C HIS A 48 -7.57 5.16 -7.46
N LEU A 49 -6.79 4.14 -7.09
CA LEU A 49 -6.07 3.34 -8.09
C LEU A 49 -7.11 2.61 -8.96
N GLU A 50 -6.98 2.69 -10.27
CA GLU A 50 -7.90 2.01 -11.14
C GLU A 50 -7.31 0.68 -11.56
N PHE A 51 -8.20 -0.24 -11.94
CA PHE A 51 -7.76 -1.56 -12.36
C PHE A 51 -6.75 -1.46 -13.51
N GLY A 52 -5.64 -2.17 -13.40
CA GLY A 52 -4.68 -2.24 -14.48
C GLY A 52 -3.56 -1.21 -14.45
N GLU A 53 -3.68 -0.21 -13.61
CA GLU A 53 -2.70 0.86 -13.47
C GLU A 53 -1.53 0.55 -12.55
N THR A 54 -0.38 1.09 -12.90
CA THR A 54 0.71 1.23 -12.01
C THR A 54 0.49 2.45 -11.10
N PHE A 55 1.18 2.45 -9.98
CA PHE A 55 1.05 3.56 -9.02
C PHE A 55 1.49 4.82 -9.72
N GLU A 56 2.50 4.72 -10.58
CA GLU A 56 3.09 5.89 -11.22
C GLU A 56 2.14 6.42 -12.31
N GLU A 57 1.51 5.53 -13.06
CA GLU A 57 0.51 5.93 -14.08
C GLU A 57 -0.66 6.68 -13.40
N CYS A 58 -1.10 6.11 -12.28
CA CYS A 58 -2.26 6.63 -11.59
C CYS A 58 -1.94 8.04 -11.10
N ALA A 59 -0.77 8.20 -10.50
CA ALA A 59 -0.29 9.48 -9.97
C ALA A 59 -0.26 10.56 -11.06
N ILE A 60 0.41 10.24 -12.16
CA ILE A 60 0.43 11.14 -13.30
C ILE A 60 -1.00 11.54 -13.82
N ARG A 61 -1.85 10.57 -14.06
CA ARG A 61 -3.22 10.77 -14.52
C ARG A 61 -4.03 11.64 -13.53
N GLU A 62 -4.00 11.28 -12.27
CA GLU A 62 -4.80 11.98 -11.24
C GLU A 62 -4.39 13.44 -11.12
N VAL A 63 -3.08 13.68 -11.07
CA VAL A 63 -2.57 15.07 -11.01
C VAL A 63 -3.05 15.88 -12.22
N LEU A 64 -2.94 15.31 -13.42
CA LEU A 64 -3.38 16.03 -14.61
C LEU A 64 -4.88 16.32 -14.57
N GLU A 65 -5.67 15.29 -14.27
CA GLU A 65 -7.14 15.42 -14.20
C GLU A 65 -7.58 16.49 -13.19
N GLU A 66 -6.88 16.60 -12.06
CA GLU A 66 -7.33 17.46 -10.96
C GLU A 66 -6.82 18.93 -11.01
N THR A 67 -5.62 19.12 -11.55
CA THR A 67 -4.85 20.33 -11.39
C THR A 67 -4.33 20.89 -12.70
N ASN A 68 -4.46 20.15 -13.81
CA ASN A 68 -3.86 20.50 -15.12
C ASN A 68 -2.32 20.45 -15.14
N LEU A 69 -1.70 19.93 -14.09
CA LEU A 69 -0.27 19.92 -13.96
C LEU A 69 0.26 18.59 -14.48
N ILE A 70 1.45 18.68 -15.08
CA ILE A 70 2.15 17.54 -15.62
C ILE A 70 3.29 17.25 -14.68
N ILE A 71 3.26 16.06 -14.06
CA ILE A 71 4.39 15.65 -13.23
C ILE A 71 5.16 14.61 -13.92
N GLU A 72 6.44 14.52 -13.56
CA GLU A 72 7.30 13.50 -14.09
C GLU A 72 7.91 12.63 -12.98
N ASN A 73 8.18 11.37 -13.32
CA ASN A 73 8.96 10.40 -12.52
C ASN A 73 8.59 10.40 -11.04
N PRO A 74 7.31 10.15 -10.76
CA PRO A 74 6.88 10.17 -9.36
C PRO A 74 7.61 9.09 -8.59
N GLN A 75 8.00 9.44 -7.38
CA GLN A 75 8.77 8.63 -6.48
C GLN A 75 7.94 8.13 -5.30
N PHE A 76 8.01 6.84 -5.05
CA PHE A 76 7.25 6.21 -3.93
C PHE A 76 7.77 6.71 -2.60
N ILE A 77 6.91 7.23 -1.72
CA ILE A 77 7.32 7.82 -0.44
CA ILE A 77 7.45 7.65 -0.44
C ILE A 77 6.83 7.03 0.78
N ALA A 78 5.59 6.56 0.73
CA ALA A 78 4.98 6.06 1.96
C ALA A 78 3.70 5.30 1.76
N VAL A 79 3.37 4.46 2.74
CA VAL A 79 2.07 3.78 2.79
C VAL A 79 1.44 4.09 4.13
N THR A 80 0.14 4.36 4.08
CA THR A 80 -0.65 4.53 5.29
C THR A 80 -1.82 3.62 5.19
N ASN A 81 -2.32 3.21 6.37
CA ASN A 81 -3.45 2.34 6.48
CA ASN A 81 -3.45 2.34 6.50
C ASN A 81 -4.45 2.98 7.44
N ASP A 82 -5.55 3.49 6.91
CA ASP A 82 -6.47 4.28 7.69
C ASP A 82 -7.91 3.83 7.57
N ILE A 83 -8.59 3.72 8.70
CA ILE A 83 -10.05 3.52 8.67
C ILE A 83 -10.69 4.87 8.94
N PHE A 84 -11.59 5.30 8.05
CA PHE A 84 -12.41 6.50 8.26
C PHE A 84 -13.73 6.05 8.95
N GLU A 85 -13.79 6.27 10.27
CA GLU A 85 -14.93 5.91 11.14
C GLU A 85 -16.27 6.43 10.63
N LYS A 86 -16.39 7.74 10.47
CA LYS A 86 -17.65 8.35 10.03
C LYS A 86 -18.15 7.61 8.80
N GLU A 87 -17.33 7.62 7.76
CA GLU A 87 -17.76 7.12 6.45
C GLU A 87 -17.77 5.58 6.34
N GLN A 88 -17.28 4.88 7.36
CA GLN A 88 -17.10 3.42 7.31
C GLN A 88 -16.32 2.97 6.04
N LYS A 89 -15.21 3.65 5.80
CA LYS A 89 -14.34 3.37 4.68
C LYS A 89 -12.97 2.99 5.25
N HIS A 90 -12.28 2.07 4.59
CA HIS A 90 -10.93 1.71 4.99
C HIS A 90 -10.07 1.88 3.72
N TYR A 91 -9.04 2.72 3.79
CA TYR A 91 -8.14 2.99 2.69
C TYR A 91 -6.73 2.71 3.02
N VAL A 92 -6.04 2.04 2.11
CA VAL A 92 -4.61 1.99 2.14
C VAL A 92 -4.16 3.05 1.15
N SER A 93 -3.48 4.09 1.64
CA SER A 93 -3.00 5.14 0.76
C SER A 93 -1.54 4.92 0.39
N ILE A 94 -1.23 5.06 -0.88
CA ILE A 94 0.13 5.05 -1.38
C ILE A 94 0.48 6.46 -1.76
N PHE A 95 1.51 7.00 -1.12
CA PHE A 95 1.96 8.35 -1.47
C PHE A 95 3.17 8.33 -2.34
N LEU A 96 3.15 9.26 -3.30
CA LEU A 96 4.26 9.50 -4.15
C LEU A 96 4.58 10.99 -4.24
N LYS A 97 5.80 11.31 -4.54
CA LYS A 97 6.16 12.68 -4.78
C LYS A 97 6.69 12.94 -6.17
N ALA A 98 6.40 14.15 -6.68
CA ALA A 98 6.93 14.53 -7.96
C ALA A 98 6.99 16.03 -8.09
N HIS A 99 7.95 16.49 -8.87
CA HIS A 99 7.95 17.89 -9.30
C HIS A 99 7.09 18.04 -10.54
N CYS A 100 6.29 19.10 -10.57
CA CYS A 100 5.58 19.46 -11.78
C CYS A 100 6.45 20.30 -12.74
N LEU A 101 6.13 20.18 -14.02
CA LEU A 101 6.88 20.79 -15.12
C LEU A 101 6.25 22.10 -15.63
N ASN A 102 5.03 22.40 -15.21
CA ASN A 102 4.26 23.47 -15.81
C ASN A 102 3.43 24.15 -14.73
N GLU A 103 4.07 24.51 -13.62
CA GLU A 103 3.33 25.00 -12.46
C GLU A 103 2.44 26.21 -12.77
N HIS A 104 2.80 27.05 -13.74
CA HIS A 104 1.95 28.21 -14.04
C HIS A 104 0.65 27.88 -14.73
N GLU A 105 0.48 26.62 -15.16
CA GLU A 105 -0.74 26.17 -15.80
C GLU A 105 -1.72 25.57 -14.77
N LEU A 106 -1.43 25.67 -13.48
CA LEU A 106 -2.33 25.18 -12.46
C LEU A 106 -3.73 25.68 -12.69
N GLN A 107 -4.69 24.75 -12.76
CA GLN A 107 -6.11 25.11 -12.83
C GLN A 107 -6.87 24.19 -11.92
N ASN A 108 -7.93 24.71 -11.29
CA ASN A 108 -8.81 23.85 -10.50
C ASN A 108 -9.84 23.18 -11.42
N LEU A 109 -9.52 21.96 -11.84
CA LEU A 109 -10.37 21.26 -12.75
C LEU A 109 -11.52 20.51 -12.13
N GLU A 110 -11.58 20.40 -10.80
CA GLU A 110 -12.72 19.76 -10.12
C GLU A 110 -13.24 20.70 -9.03
N PRO A 111 -13.80 21.84 -9.47
CA PRO A 111 -14.17 22.86 -8.49
C PRO A 111 -15.34 22.51 -7.58
N HIS A 112 -16.08 21.46 -7.91
CA HIS A 112 -17.10 20.96 -6.97
C HIS A 112 -16.55 20.06 -5.91
N LYS A 113 -15.33 19.56 -6.11
CA LYS A 113 -14.68 18.75 -5.11
C LYS A 113 -13.72 19.59 -4.28
N VAL A 114 -13.00 20.49 -4.92
CA VAL A 114 -11.98 21.25 -4.21
C VAL A 114 -12.30 22.74 -4.34
N GLU A 115 -12.29 23.44 -3.23
CA GLU A 115 -12.55 24.89 -3.27
C GLU A 115 -11.48 25.64 -4.05
N ASN A 116 -10.23 25.42 -3.66
CA ASN A 116 -9.09 25.97 -4.32
C ASN A 116 -7.83 25.19 -3.98
N TRP A 117 -6.85 25.24 -4.88
CA TRP A 117 -5.53 24.69 -4.67
C TRP A 117 -4.61 25.83 -4.27
N GLN A 118 -3.56 25.52 -3.50
CA GLN A 118 -2.50 26.49 -3.20
C GLN A 118 -1.19 25.77 -2.83
N TRP A 119 -0.08 26.47 -3.06
CA TRP A 119 1.27 26.00 -2.73
C TRP A 119 1.59 26.36 -1.27
N PHE A 120 2.18 25.44 -0.53
CA PHE A 120 2.54 25.62 0.88
C PHE A 120 3.95 25.17 1.13
N ALA A 121 4.70 25.97 1.90
CA ALA A 121 6.01 25.56 2.34
C ALA A 121 5.81 24.44 3.35
N LEU A 122 6.75 23.49 3.34
CA LEU A 122 6.67 22.37 4.24
C LEU A 122 6.79 22.75 5.69
N ASP A 123 7.32 23.92 5.98
CA ASP A 123 7.38 24.41 7.37
C ASP A 123 6.23 25.32 7.70
N ASN A 124 5.25 25.41 6.79
CA ASN A 124 4.08 26.24 6.99
C ASN A 124 2.82 25.52 6.54
N LEU A 125 2.72 24.21 6.78
CA LEU A 125 1.52 23.47 6.40
C LEU A 125 0.33 23.84 7.27
N PRO A 126 -0.87 23.77 6.68
CA PRO A 126 -2.06 23.93 7.51
C PRO A 126 -2.19 22.83 8.52
N SER A 127 -2.93 23.08 9.60
CA SER A 127 -3.12 22.10 10.66
C SER A 127 -4.10 21.02 10.35
N ASN A 128 -5.15 21.44 9.66
CA ASN A 128 -6.31 20.64 9.34
C ASN A 128 -6.07 19.81 8.05
N LEU A 129 -5.22 18.83 8.16
CA LEU A 129 -4.88 17.99 7.04
C LEU A 129 -5.72 16.69 7.00
N PHE A 130 -6.10 16.27 5.79
CA PHE A 130 -6.76 14.99 5.53
C PHE A 130 -5.95 13.91 6.29
N LEU A 131 -6.65 12.94 6.92
CA LEU A 131 -6.02 12.00 7.86
C LEU A 131 -4.75 11.31 7.29
N PRO A 132 -4.85 10.78 6.10
CA PRO A 132 -3.66 10.07 5.62
C PRO A 132 -2.44 10.97 5.48
N LEU A 133 -2.66 12.22 5.05
CA LEU A 133 -1.58 13.19 4.90
C LEU A 133 -1.06 13.58 6.30
N LYS A 134 -1.96 13.81 7.24
CA LYS A 134 -1.59 14.08 8.63
C LYS A 134 -0.66 12.98 9.14
N ARG A 135 -1.04 11.73 8.88
CA ARG A 135 -0.23 10.59 9.29
C ARG A 135 1.15 10.61 8.66
N LEU A 136 1.17 10.91 7.37
CA LEU A 136 2.41 11.04 6.68
C LEU A 136 3.30 12.13 7.29
N ILE A 137 2.73 13.32 7.47
CA ILE A 137 3.51 14.45 8.04
C ILE A 137 4.07 14.16 9.44
N GLU A 138 3.30 13.46 10.28
CA GLU A 138 3.74 13.17 11.64
C GLU A 138 4.42 11.82 11.69
N LYS A 139 4.80 11.32 10.52
CA LYS A 139 5.46 10.02 10.36
C LYS A 139 4.79 8.82 11.06
N LYS A 140 3.48 8.82 11.18
CA LYS A 140 2.70 7.64 11.60
C LYS A 140 2.30 6.86 10.37
N CYS A 141 3.31 6.28 9.71
CA CYS A 141 3.12 5.60 8.43
C CYS A 141 4.33 4.71 8.21
N TYR A 142 4.37 4.00 7.08
CA TYR A 142 5.54 3.23 6.68
C TYR A 142 6.31 4.10 5.66
N LEU A 143 7.34 4.78 6.12
CA LEU A 143 7.96 5.89 5.39
C LEU A 143 9.22 5.35 4.71
N TYR A 144 9.18 5.33 3.39
CA TYR A 144 10.30 4.86 2.56
C TYR A 144 11.39 5.92 2.45
N LYS A 145 10.97 7.16 2.18
CA LYS A 145 11.85 8.32 1.93
C LYS A 145 11.29 9.57 2.60
N GLU A 146 12.17 10.43 3.10
CA GLU A 146 11.72 11.69 3.71
C GLU A 146 11.14 12.52 2.57
N ILE A 147 10.15 13.35 2.89
CA ILE A 147 9.48 14.19 1.90
C ILE A 147 10.43 15.19 1.22
N ILE A 148 11.34 15.78 1.98
CA ILE A 148 12.25 16.83 1.50
C ILE A 148 13.13 16.34 0.38
N MET B 9 -18.74 -4.39 -14.78
CA MET B 9 -17.78 -3.27 -14.92
C MET B 9 -16.91 -3.25 -13.65
N ILE B 10 -17.46 -2.84 -12.50
CA ILE B 10 -16.66 -2.54 -11.28
C ILE B 10 -15.66 -3.62 -10.92
N ASN B 11 -14.37 -3.25 -10.88
CA ASN B 11 -13.34 -4.21 -10.55
C ASN B 11 -12.18 -3.52 -9.82
N HIS B 12 -12.37 -3.25 -8.53
CA HIS B 12 -11.40 -2.46 -7.81
C HIS B 12 -10.16 -3.31 -7.54
N PRO B 13 -8.96 -2.72 -7.63
CA PRO B 13 -7.76 -3.38 -7.05
C PRO B 13 -8.01 -3.78 -5.57
N ARG B 14 -7.55 -4.94 -5.22
CA ARG B 14 -7.76 -5.48 -3.92
C ARG B 14 -6.45 -5.52 -3.17
N ILE B 15 -6.52 -5.57 -1.83
CA ILE B 15 -5.32 -5.59 -1.03
C ILE B 15 -5.12 -7.00 -0.48
N GLY B 16 -3.95 -7.57 -0.76
CA GLY B 16 -3.50 -8.83 -0.13
C GLY B 16 -2.33 -8.64 0.80
N ILE B 17 -2.28 -9.49 1.82
CA ILE B 17 -1.22 -9.57 2.80
C ILE B 17 -0.45 -10.86 2.53
N GLY B 18 0.88 -10.78 2.46
CA GLY B 18 1.78 -11.94 2.38
C GLY B 18 2.70 -11.92 3.61
N ILE B 19 2.84 -13.05 4.26
CA ILE B 19 3.76 -13.17 5.37
C ILE B 19 4.84 -14.16 5.05
N LEU B 20 6.08 -13.69 5.17
CA LEU B 20 7.25 -14.54 5.12
C LEU B 20 7.53 -14.97 6.54
N ILE B 21 7.19 -16.22 6.83
CA ILE B 21 7.33 -16.79 8.14
C ILE B 21 8.67 -17.55 8.18
N PHE B 22 9.52 -17.17 9.12
CA PHE B 22 10.81 -17.80 9.27
C PHE B 22 10.85 -18.72 10.45
N ASN B 23 11.62 -19.81 10.30
CA ASN B 23 11.88 -20.70 11.42
C ASN B 23 13.27 -20.43 12.02
N ASN B 24 13.65 -21.22 13.00
CA ASN B 24 14.91 -21.01 13.70
C ASN B 24 16.13 -21.20 12.81
N ARG B 25 15.96 -21.96 11.73
CA ARG B 25 16.99 -22.11 10.70
C ARG B 25 17.01 -21.00 9.64
N ASN B 26 16.17 -19.97 9.78
CA ASN B 26 15.99 -18.89 8.79
C ASN B 26 15.46 -19.35 7.44
N GLU B 27 14.75 -20.47 7.43
CA GLU B 27 14.01 -20.98 6.28
C GLU B 27 12.63 -20.30 6.31
N ILE B 28 12.04 -20.16 5.14
CA ILE B 28 10.70 -19.61 5.01
C ILE B 28 9.70 -20.70 4.66
N LEU B 29 8.45 -20.41 5.00
CA LEU B 29 7.39 -21.37 4.85
C LEU B 29 6.66 -21.09 3.55
N LEU B 30 6.55 -22.09 2.71
CA LEU B 30 5.79 -21.96 1.47
C LEU B 30 4.94 -23.20 1.30
N GLY B 31 3.85 -23.08 0.55
CA GLY B 31 3.03 -24.24 0.17
C GLY B 31 2.49 -24.11 -1.24
N LYS B 32 2.25 -25.24 -1.93
CA LYS B 32 1.57 -25.14 -3.25
C LYS B 32 0.12 -24.66 -3.14
N ARG B 33 -0.23 -23.61 -3.87
CA ARG B 33 -1.58 -23.11 -3.87
C ARG B 33 -2.52 -24.10 -4.57
N ILE B 34 -3.73 -24.24 -4.02
CA ILE B 34 -4.88 -24.93 -4.68
C ILE B 34 -5.30 -26.26 -4.00
N SER B 41 1.50 -22.98 -8.08
CA SER B 41 2.71 -22.26 -7.67
C SER B 41 2.87 -22.20 -6.15
N TYR B 42 4.10 -21.99 -5.68
CA TYR B 42 4.36 -21.93 -4.26
C TYR B 42 4.12 -20.51 -3.75
N ALA B 43 3.40 -20.41 -2.62
CA ALA B 43 3.04 -19.13 -2.03
C ALA B 43 3.30 -19.14 -0.52
N PRO B 44 3.53 -17.93 0.06
CA PRO B 44 3.62 -17.85 1.53
C PRO B 44 2.24 -17.84 2.14
N ALA B 45 2.18 -17.76 3.47
CA ALA B 45 0.90 -17.50 4.09
C ALA B 45 0.40 -16.13 3.71
N GLY B 46 -0.89 -15.96 3.84
CA GLY B 46 -1.47 -14.65 3.51
C GLY B 46 -2.85 -14.79 2.98
N GLY B 47 -3.47 -13.68 2.66
CA GLY B 47 -4.86 -13.69 2.23
C GLY B 47 -5.27 -12.24 2.20
N HIS B 48 -6.56 -12.00 2.16
CA HIS B 48 -7.08 -10.64 2.01
C HIS B 48 -7.03 -9.82 3.30
N LEU B 49 -6.70 -8.55 3.22
CA LEU B 49 -6.84 -7.66 4.38
C LEU B 49 -8.33 -7.44 4.61
N GLU B 50 -8.78 -7.60 5.84
CA GLU B 50 -10.17 -7.43 6.19
C GLU B 50 -10.38 -6.00 6.68
N PHE B 51 -11.59 -5.49 6.43
CA PHE B 51 -12.02 -4.18 6.96
C PHE B 51 -11.67 -3.97 8.41
N GLY B 52 -11.01 -2.85 8.70
CA GLY B 52 -10.66 -2.43 10.05
C GLY B 52 -9.31 -2.93 10.57
N GLU B 53 -8.65 -3.84 9.85
CA GLU B 53 -7.39 -4.46 10.34
C GLU B 53 -6.16 -3.64 10.03
N THR B 54 -5.22 -3.59 10.97
CA THR B 54 -3.83 -3.19 10.65
C THR B 54 -3.13 -4.27 9.87
N PHE B 55 -2.04 -3.94 9.13
CA PHE B 55 -1.29 -4.95 8.39
C PHE B 55 -0.77 -6.06 9.35
N GLU B 56 -0.36 -5.66 10.56
CA GLU B 56 0.22 -6.54 11.53
C GLU B 56 -0.83 -7.46 12.12
N GLU B 57 -1.99 -6.90 12.46
CA GLU B 57 -3.13 -7.72 12.97
C GLU B 57 -3.49 -8.79 11.98
N CYS B 58 -3.64 -8.39 10.71
CA CYS B 58 -3.97 -9.30 9.63
C CYS B 58 -2.91 -10.37 9.54
N ALA B 59 -1.64 -9.98 9.53
CA ALA B 59 -0.54 -10.96 9.45
C ALA B 59 -0.61 -12.01 10.57
N ILE B 60 -0.78 -11.56 11.81
CA ILE B 60 -0.80 -12.47 12.96
C ILE B 60 -1.96 -13.47 12.84
N ARG B 61 -3.13 -12.94 12.49
CA ARG B 61 -4.34 -13.77 12.37
C ARG B 61 -4.18 -14.78 11.26
N GLU B 62 -3.81 -14.32 10.06
CA GLU B 62 -3.65 -15.21 8.88
C GLU B 62 -2.65 -16.32 9.12
N VAL B 63 -1.53 -15.99 9.75
CA VAL B 63 -0.52 -17.03 10.06
C VAL B 63 -1.12 -18.08 11.02
N LEU B 64 -1.74 -17.59 12.08
CA LEU B 64 -2.38 -18.54 12.99
C LEU B 64 -3.44 -19.39 12.32
N GLU B 65 -4.33 -18.77 11.56
CA GLU B 65 -5.44 -19.50 10.91
C GLU B 65 -5.00 -20.46 9.81
N GLU B 66 -3.87 -20.20 9.20
CA GLU B 66 -3.42 -21.05 8.07
C GLU B 66 -2.41 -22.08 8.42
N THR B 67 -1.56 -21.81 9.40
CA THR B 67 -0.37 -22.63 9.72
C THR B 67 -0.28 -23.16 11.12
N ASN B 68 -1.18 -22.72 11.99
CA ASN B 68 -1.14 -23.01 13.43
C ASN B 68 0.02 -22.31 14.19
N LEU B 69 0.70 -21.38 13.54
CA LEU B 69 1.92 -20.80 14.10
C LEU B 69 1.66 -19.42 14.71
N ILE B 70 2.37 -19.16 15.83
CA ILE B 70 2.37 -17.83 16.46
C ILE B 70 3.56 -17.03 15.95
N ILE B 71 3.25 -15.81 15.53
CA ILE B 71 4.28 -14.78 15.23
C ILE B 71 3.93 -13.57 16.03
N GLU B 72 4.93 -12.76 16.34
CA GLU B 72 4.75 -11.47 17.00
C GLU B 72 5.47 -10.40 16.24
N ASN B 73 5.06 -9.15 16.38
CA ASN B 73 5.76 -8.00 15.81
C ASN B 73 6.20 -8.19 14.36
N PRO B 74 5.26 -8.58 13.46
CA PRO B 74 5.61 -8.74 12.08
C PRO B 74 6.12 -7.41 11.54
N GLN B 75 7.15 -7.49 10.71
CA GLN B 75 7.79 -6.31 10.16
C GLN B 75 7.36 -6.09 8.72
N PHE B 76 6.85 -4.92 8.42
CA PHE B 76 6.49 -4.61 7.04
C PHE B 76 7.74 -4.60 6.15
N ILE B 77 7.73 -5.21 4.98
CA ILE B 77 8.93 -5.22 4.18
C ILE B 77 8.81 -4.73 2.74
N ALA B 78 7.63 -4.80 2.13
CA ALA B 78 7.51 -4.43 0.73
C ALA B 78 6.05 -4.33 0.27
N VAL B 79 5.89 -3.67 -0.84
CA VAL B 79 4.60 -3.58 -1.57
C VAL B 79 4.85 -4.05 -2.99
N THR B 80 3.97 -4.89 -3.50
CA THR B 80 3.99 -5.25 -4.95
C THR B 80 2.67 -4.90 -5.59
N ASN B 81 2.71 -4.69 -6.90
CA ASN B 81 1.56 -4.31 -7.68
C ASN B 81 1.36 -5.31 -8.81
N ASP B 82 0.38 -6.19 -8.66
CA ASP B 82 0.28 -7.36 -9.53
C ASP B 82 -1.03 -7.36 -10.27
N ILE B 83 -0.97 -7.26 -11.59
CA ILE B 83 -2.14 -7.44 -12.40
C ILE B 83 -2.10 -8.89 -12.89
N PHE B 84 -3.13 -9.69 -12.56
CA PHE B 84 -3.33 -11.03 -13.13
C PHE B 84 -4.31 -10.90 -14.30
N GLU B 85 -3.78 -10.86 -15.51
CA GLU B 85 -4.55 -10.56 -16.72
C GLU B 85 -5.48 -11.70 -17.17
N LYS B 86 -5.16 -12.95 -16.81
CA LYS B 86 -6.05 -14.10 -17.08
C LYS B 86 -7.27 -14.11 -16.17
N GLU B 87 -7.07 -13.95 -14.87
CA GLU B 87 -8.18 -13.94 -13.91
C GLU B 87 -8.86 -12.58 -13.75
N GLN B 88 -8.45 -11.59 -14.54
CA GLN B 88 -8.94 -10.22 -14.41
C GLN B 88 -9.00 -9.77 -12.93
N LYS B 89 -7.89 -9.97 -12.22
CA LYS B 89 -7.73 -9.58 -10.81
C LYS B 89 -6.55 -8.62 -10.71
N HIS B 90 -6.68 -7.55 -9.91
CA HIS B 90 -5.58 -6.67 -9.67
C HIS B 90 -5.38 -6.64 -8.17
N TYR B 91 -4.19 -7.04 -7.74
CA TYR B 91 -3.85 -7.06 -6.33
C TYR B 91 -2.66 -6.18 -6.03
N VAL B 92 -2.79 -5.44 -4.95
CA VAL B 92 -1.66 -4.78 -4.31
C VAL B 92 -1.30 -5.64 -3.11
N SER B 93 -0.07 -6.16 -3.10
CA SER B 93 0.31 -7.06 -2.02
C SER B 93 1.20 -6.36 -1.05
N ILE B 94 0.88 -6.50 0.24
CA ILE B 94 1.70 -6.01 1.28
C ILE B 94 2.42 -7.20 1.95
N PHE B 95 3.75 -7.16 1.98
CA PHE B 95 4.53 -8.24 2.57
C PHE B 95 5.09 -7.86 3.90
N LEU B 96 4.98 -8.79 4.87
CA LEU B 96 5.61 -8.64 6.16
C LEU B 96 6.43 -9.91 6.44
N LYS B 97 7.35 -9.80 7.35
CA LYS B 97 8.11 -10.89 7.86
C LYS B 97 8.08 -11.04 9.36
N ALA B 98 8.27 -12.30 9.78
CA ALA B 98 8.39 -12.63 11.18
C ALA B 98 8.93 -14.05 11.42
N HIS B 99 9.54 -14.24 12.57
CA HIS B 99 9.94 -15.55 13.03
C HIS B 99 8.82 -16.18 13.80
N CYS B 100 8.46 -17.41 13.44
CA CYS B 100 7.50 -18.13 14.28
C CYS B 100 8.16 -18.61 15.59
N LEU B 101 7.34 -18.75 16.61
CA LEU B 101 7.81 -19.15 17.93
C LEU B 101 7.61 -20.63 18.18
N ASN B 102 6.67 -21.23 17.47
CA ASN B 102 6.29 -22.59 17.77
C ASN B 102 6.41 -23.48 16.54
N GLU B 103 7.57 -23.50 15.91
CA GLU B 103 7.69 -24.09 14.55
C GLU B 103 7.24 -25.53 14.48
N HIS B 104 7.45 -26.28 15.57
CA HIS B 104 7.08 -27.69 15.55
C HIS B 104 5.61 -27.96 15.73
N GLU B 105 4.82 -26.91 15.90
CA GLU B 105 3.36 -26.99 15.92
C GLU B 105 2.74 -26.69 14.55
N LEU B 106 3.56 -26.55 13.51
CA LEU B 106 3.06 -26.33 12.16
C LEU B 106 1.98 -27.35 11.76
N GLN B 107 0.85 -26.83 11.31
CA GLN B 107 -0.23 -27.65 10.80
C GLN B 107 -0.91 -26.90 9.64
N ASN B 108 -1.24 -27.60 8.56
CA ASN B 108 -1.99 -27.02 7.44
C ASN B 108 -3.48 -27.02 7.81
N LEU B 109 -3.96 -25.89 8.28
CA LEU B 109 -5.31 -25.84 8.81
C LEU B 109 -6.39 -25.60 7.74
N GLU B 110 -6.00 -25.07 6.58
CA GLU B 110 -6.93 -24.91 5.43
C GLU B 110 -6.49 -25.78 4.21
N PRO B 111 -6.61 -27.13 4.32
CA PRO B 111 -6.14 -27.99 3.22
C PRO B 111 -7.01 -27.96 1.96
N HIS B 112 -8.07 -27.14 1.95
CA HIS B 112 -8.75 -26.75 0.70
C HIS B 112 -8.00 -25.61 -0.04
N LYS B 113 -7.16 -24.82 0.65
CA LYS B 113 -6.37 -23.70 0.05
C LYS B 113 -4.84 -23.93 -0.22
N VAL B 114 -4.23 -24.89 0.48
CA VAL B 114 -2.77 -25.09 0.37
C VAL B 114 -2.53 -26.63 0.42
N GLU B 115 -1.76 -27.21 -0.50
CA GLU B 115 -1.50 -28.66 -0.50
C GLU B 115 -0.86 -29.16 0.81
N ASN B 116 0.17 -28.46 1.22
CA ASN B 116 0.94 -28.74 2.41
C ASN B 116 1.96 -27.65 2.57
N TRP B 117 2.41 -27.43 3.80
CA TRP B 117 3.41 -26.42 4.04
C TRP B 117 4.74 -27.09 4.20
N GLN B 118 5.77 -26.43 3.67
CA GLN B 118 7.14 -26.91 3.76
C GLN B 118 8.15 -25.73 3.95
N TRP B 119 9.25 -26.03 4.67
CA TRP B 119 10.28 -24.99 4.92
C TRP B 119 11.30 -25.00 3.77
N PHE B 120 11.72 -23.84 3.30
CA PHE B 120 12.74 -23.74 2.28
C PHE B 120 13.81 -22.73 2.63
N ALA B 121 15.07 -23.09 2.40
CA ALA B 121 16.15 -22.09 2.55
C ALA B 121 16.04 -21.07 1.43
N LEU B 122 16.36 -19.80 1.69
CA LEU B 122 16.17 -18.77 0.67
C LEU B 122 17.04 -18.94 -0.56
N ASP B 123 18.10 -19.73 -0.46
CA ASP B 123 18.93 -20.09 -1.60
C ASP B 123 18.46 -21.35 -2.34
N ASN B 124 17.34 -21.91 -1.90
CA ASN B 124 16.75 -23.12 -2.49
C ASN B 124 15.26 -23.00 -2.64
N LEU B 125 14.81 -21.83 -3.09
CA LEU B 125 13.38 -21.65 -3.25
C LEU B 125 12.94 -22.44 -4.48
N PRO B 126 11.66 -22.88 -4.51
CA PRO B 126 11.18 -23.59 -5.69
C PRO B 126 11.19 -22.67 -6.88
N SER B 127 11.31 -23.23 -8.09
CA SER B 127 11.36 -22.42 -9.31
C SER B 127 10.02 -21.81 -9.65
N ASN B 128 8.91 -22.39 -9.18
CA ASN B 128 7.58 -21.86 -9.44
C ASN B 128 6.91 -21.07 -8.25
N LEU B 129 7.20 -19.79 -8.16
CA LEU B 129 6.68 -18.95 -7.11
C LEU B 129 5.50 -18.13 -7.58
N PHE B 130 4.52 -18.04 -6.70
CA PHE B 130 3.37 -17.18 -6.88
C PHE B 130 3.81 -15.73 -7.23
N LEU B 131 3.17 -15.15 -8.23
CA LEU B 131 3.65 -13.94 -8.86
C LEU B 131 4.07 -12.80 -7.90
N PRO B 132 3.22 -12.43 -6.94
CA PRO B 132 3.67 -11.40 -5.98
C PRO B 132 4.94 -11.76 -5.21
N LEU B 133 5.08 -13.01 -4.79
CA LEU B 133 6.32 -13.46 -4.16
C LEU B 133 7.54 -13.40 -5.13
N LYS B 134 7.33 -13.83 -6.36
CA LYS B 134 8.38 -13.80 -7.38
C LYS B 134 8.84 -12.34 -7.53
N ARG B 135 7.87 -11.45 -7.64
CA ARG B 135 8.24 -9.99 -7.69
C ARG B 135 9.08 -9.58 -6.49
N LEU B 136 8.67 -9.97 -5.29
CA LEU B 136 9.40 -9.63 -4.09
C LEU B 136 10.86 -10.11 -4.14
N ILE B 137 11.04 -11.40 -4.39
CA ILE B 137 12.35 -12.02 -4.42
C ILE B 137 13.26 -11.34 -5.46
N GLU B 138 12.67 -10.93 -6.58
CA GLU B 138 13.42 -10.36 -7.69
C GLU B 138 13.54 -8.84 -7.56
N LYS B 139 13.07 -8.30 -6.45
CA LYS B 139 13.09 -6.85 -6.18
C LYS B 139 12.35 -6.00 -7.22
N LYS B 140 11.37 -6.57 -7.87
CA LYS B 140 10.44 -5.85 -8.72
C LYS B 140 9.28 -5.43 -7.86
N CYS B 141 9.60 -4.55 -6.92
CA CYS B 141 8.66 -4.16 -5.83
C CYS B 141 9.18 -2.88 -5.21
N TYR B 142 8.46 -2.36 -4.20
CA TYR B 142 8.89 -1.19 -3.47
C TYR B 142 9.32 -1.75 -2.12
N LEU B 143 10.63 -1.88 -1.98
CA LEU B 143 11.25 -2.56 -0.84
C LEU B 143 11.55 -1.60 0.30
N TYR B 144 10.91 -1.84 1.43
CA TYR B 144 11.02 -1.01 2.64
C TYR B 144 12.14 -1.50 3.53
N LYS B 145 12.30 -2.83 3.62
CA LYS B 145 13.39 -3.52 4.32
C LYS B 145 13.78 -4.82 3.59
N GLU B 146 15.04 -5.24 3.76
CA GLU B 146 15.52 -6.50 3.16
C GLU B 146 14.83 -7.69 3.83
N ILE B 147 14.71 -8.78 3.10
CA ILE B 147 14.13 -10.02 3.64
C ILE B 147 14.98 -10.57 4.78
N ILE B 148 16.30 -10.49 4.65
CA ILE B 148 17.16 -11.05 5.67
C ILE B 148 18.54 -10.42 5.64
#